data_9SI4
#
_entry.id   9SI4
#
_cell.length_a   73.160
_cell.length_b   73.160
_cell.length_c   70.150
_cell.angle_alpha   90.00
_cell.angle_beta   90.00
_cell.angle_gamma   120.00
#
_symmetry.space_group_name_H-M   'P 63'
#
loop_
_entity.id
_entity.type
_entity.pdbx_description
1 polymer 'Neutrophil elastase'
2 branched alpha-L-fucopyranose-(1-6)-2-acetamido-2-deoxy-beta-D-glucopyranose
3 non-polymer 2-acetamido-2-deoxy-beta-D-glucopyranose
4 non-polymer alpha-L-fucopyranose
5 non-polymer 'methyl (5~{R})-5-[4-cyano-2-[2-(trimethyl-$l^{4}-azanyl)ethyl]phenyl]-7-methyl-3-oxidanylidene-8-[3-(trifluoromethyl)phenyl]-2,5-dihydro-[1,2,4]triazolo[4,3-a]pyrimidine-6-carboxylate'
6 water water
#
_entity_poly.entity_id   1
_entity_poly.type   'polypeptide(L)'
_entity_poly.pdbx_seq_one_letter_code
;IVGGRRARPHAWPFMVSLQLRGGHFCGATLIAPNFVMSAAHCVANVNVRAVRVVLGAHNLSRREPTRQVFAVQRIFENGY
DPVNLLNDIVILQLNGSATINANVQVAQLPAQGRRLGNGVQCLAMGWGLLGRNRGIASVLQELNVTVVTSLCRRSNVCTL
VRGRQAGVCFGDSGSPLVCNGLIHGIASFVRGGCASGLYPDAFAPVAQFVNWIDSIIQ
;
_entity_poly.pdbx_strand_id   A
#
# COMPACT_ATOMS: atom_id res chain seq x y z
N ILE A 1 -0.85 -3.47 10.53
CA ILE A 1 0.58 -3.49 10.90
C ILE A 1 0.71 -4.02 12.32
N VAL A 2 1.45 -5.11 12.48
CA VAL A 2 1.74 -5.73 13.76
C VAL A 2 3.09 -5.23 14.25
N GLY A 3 3.11 -4.70 15.47
CA GLY A 3 4.37 -4.30 16.10
C GLY A 3 4.96 -2.99 15.61
N GLY A 4 4.13 -2.17 14.97
CA GLY A 4 4.52 -0.87 14.48
C GLY A 4 4.22 0.20 15.51
N ARG A 5 4.02 1.42 15.00
CA ARG A 5 3.77 2.58 15.83
C ARG A 5 2.80 3.50 15.09
N ARG A 6 2.13 4.37 15.83
CA ARG A 6 1.34 5.42 15.20
C ARG A 6 2.24 6.33 14.38
N ALA A 7 1.82 6.61 13.15
CA ALA A 7 2.43 7.65 12.36
C ALA A 7 2.12 9.01 12.96
N ARG A 8 3.00 9.98 12.75
CA ARG A 8 2.66 11.37 13.02
C ARG A 8 1.50 11.75 12.09
N PRO A 9 0.50 12.51 12.58
CA PRO A 9 -0.62 12.86 11.70
C PRO A 9 -0.16 13.46 10.37
N HIS A 10 -0.64 12.88 9.27
CA HIS A 10 -0.37 13.38 7.93
C HIS A 10 1.11 13.36 7.55
N ALA A 11 1.88 12.45 8.16
CA ALA A 11 3.28 12.30 7.82
C ALA A 11 3.47 11.78 6.40
N TRP A 12 2.47 11.02 5.90
CA TRP A 12 2.54 10.29 4.64
C TRP A 12 1.35 10.69 3.77
N PRO A 13 1.35 11.92 3.22
CA PRO A 13 0.14 12.47 2.62
C PRO A 13 -0.29 11.82 1.31
N PHE A 14 0.52 10.88 0.80
CA PHE A 14 0.13 10.02 -0.31
C PHE A 14 -0.63 8.77 0.11
N MET A 15 -0.76 8.55 1.42
CA MET A 15 -1.39 7.33 1.92
C MET A 15 -2.91 7.43 1.78
N VAL A 16 -3.52 6.38 1.23
CA VAL A 16 -4.93 6.32 0.92
C VAL A 16 -5.60 5.16 1.63
N SER A 17 -6.85 5.39 2.10
CA SER A 17 -7.73 4.32 2.58
C SER A 17 -8.81 4.04 1.55
N LEU A 18 -8.88 2.80 1.07
CA LEU A 18 -9.98 2.35 0.24
C LEU A 18 -11.05 1.79 1.17
N GLN A 19 -12.30 2.24 0.96
CA GLN A 19 -13.38 1.93 1.87
C GLN A 19 -14.63 1.44 1.14
N LEU A 20 -15.41 0.63 1.86
CA LEU A 20 -16.75 0.20 1.45
C LEU A 20 -17.69 0.47 2.62
N ARG A 21 -18.98 0.66 2.36
CA ARG A 21 -19.96 0.81 3.43
C ARG A 21 -19.37 0.37 4.78
N GLY A 22 -19.45 1.26 5.77
CA GLY A 22 -18.71 1.05 7.01
C GLY A 22 -17.30 0.45 6.95
N GLY A 23 -16.43 0.93 6.04
CA GLY A 23 -15.04 1.13 6.39
C GLY A 23 -13.90 0.61 5.53
N HIS A 24 -12.71 0.85 6.06
CA HIS A 24 -11.45 0.52 5.44
C HIS A 24 -11.34 -0.96 5.09
N PHE A 25 -10.91 -1.27 3.86
CA PHE A 25 -10.56 -2.64 3.51
C PHE A 25 -9.17 -2.80 2.89
N CYS A 26 -8.55 -1.72 2.42
CA CYS A 26 -7.26 -1.83 1.75
C CYS A 26 -6.62 -0.45 1.74
N GLY A 27 -5.29 -0.44 1.66
CA GLY A 27 -4.59 0.80 1.39
C GLY A 27 -4.39 1.05 -0.10
N ALA A 28 -3.87 2.23 -0.39
CA ALA A 28 -3.46 2.62 -1.72
C ALA A 28 -2.51 3.82 -1.61
N THR A 29 -1.99 4.26 -2.75
CA THR A 29 -1.05 5.35 -2.85
C THR A 29 -1.53 6.33 -3.91
N LEU A 30 -1.54 7.63 -3.59
CA LEU A 30 -1.86 8.67 -4.57
C LEU A 30 -0.65 8.86 -5.46
N ILE A 31 -0.80 8.59 -6.77
CA ILE A 31 0.31 8.69 -7.71
C ILE A 31 0.12 9.78 -8.76
N ALA A 32 -1.06 10.40 -8.77
CA ALA A 32 -1.34 11.60 -9.55
C ALA A 32 -2.61 12.17 -8.94
N PRO A 33 -3.00 13.42 -9.23
CA PRO A 33 -4.21 13.94 -8.61
C PRO A 33 -5.47 13.11 -8.86
N ASN A 34 -5.53 12.40 -10.00
CA ASN A 34 -6.70 11.63 -10.35
C ASN A 34 -6.44 10.13 -10.47
N PHE A 35 -5.35 9.63 -9.86
CA PHE A 35 -5.04 8.21 -9.89
C PHE A 35 -4.44 7.74 -8.57
N VAL A 36 -4.90 6.58 -8.12
CA VAL A 36 -4.25 5.88 -7.02
C VAL A 36 -3.80 4.51 -7.52
N MET A 37 -2.81 3.92 -6.83
CA MET A 37 -2.39 2.57 -7.14
C MET A 37 -2.55 1.73 -5.87
N SER A 38 -2.95 0.47 -6.08
CA SER A 38 -3.18 -0.46 -4.99
C SER A 38 -2.79 -1.85 -5.47
N ALA A 39 -3.14 -2.85 -4.65
CA ALA A 39 -2.93 -4.24 -5.02
C ALA A 39 -4.14 -4.74 -5.79
N ALA A 40 -3.89 -5.50 -6.85
CA ALA A 40 -4.98 -6.13 -7.57
C ALA A 40 -5.82 -7.07 -6.71
N HIS A 41 -5.22 -7.73 -5.71
CA HIS A 41 -6.00 -8.65 -4.90
C HIS A 41 -7.02 -7.90 -4.04
N CYS A 42 -6.81 -6.60 -3.81
CA CYS A 42 -7.75 -5.78 -3.07
C CYS A 42 -9.12 -5.68 -3.71
N VAL A 43 -9.12 -5.58 -5.05
CA VAL A 43 -10.35 -5.26 -5.76
C VAL A 43 -10.84 -6.38 -6.67
N ALA A 44 -10.12 -7.50 -6.70
CA ALA A 44 -10.46 -8.58 -7.62
C ALA A 44 -11.91 -9.01 -7.45
N ASN A 45 -12.38 -9.12 -6.21
CA ASN A 45 -13.73 -9.63 -6.01
C ASN A 45 -14.69 -8.60 -5.42
N VAL A 46 -14.46 -7.32 -5.69
CA VAL A 46 -15.30 -6.28 -5.14
C VAL A 46 -15.85 -5.39 -6.25
N ASN A 47 -17.06 -4.88 -6.01
CA ASN A 47 -17.72 -3.96 -6.92
C ASN A 47 -17.06 -2.59 -6.77
N VAL A 48 -16.26 -2.24 -7.78
CA VAL A 48 -15.48 -1.01 -7.70
C VAL A 48 -16.40 0.21 -7.68
N ARG A 49 -17.63 0.10 -8.19
CA ARG A 49 -18.60 1.18 -8.11
C ARG A 49 -18.92 1.56 -6.66
N ALA A 50 -18.68 0.65 -5.71
CA ALA A 50 -18.97 0.91 -4.31
C ALA A 50 -17.76 1.46 -3.53
N VAL A 51 -16.57 1.43 -4.14
CA VAL A 51 -15.36 1.82 -3.43
C VAL A 51 -15.26 3.33 -3.27
N ARG A 52 -14.97 3.76 -2.05
CA ARG A 52 -14.66 5.14 -1.75
C ARG A 52 -13.16 5.26 -1.51
N VAL A 53 -12.53 6.22 -2.20
CA VAL A 53 -11.10 6.47 -2.13
C VAL A 53 -10.91 7.66 -1.20
N VAL A 54 -10.35 7.42 -0.02
CA VAL A 54 -10.28 8.43 1.04
C VAL A 54 -8.83 8.91 1.16
N LEU A 55 -8.62 10.18 0.77
CA LEU A 55 -7.35 10.86 0.86
C LEU A 55 -7.34 11.70 2.11
N GLY A 56 -6.14 12.03 2.62
CA GLY A 56 -6.00 12.97 3.70
C GLY A 56 -6.41 12.47 5.09
N ALA A 57 -6.49 11.15 5.26
CA ALA A 57 -6.92 10.57 6.52
C ALA A 57 -5.77 10.27 7.48
N HIS A 58 -6.13 10.19 8.76
CA HIS A 58 -5.19 9.77 9.78
C HIS A 58 -5.84 8.80 10.76
N ASN A 59 -6.90 9.27 11.44
CA ASN A 59 -7.66 8.48 12.39
C ASN A 59 -9.02 8.18 11.76
N LEU A 60 -9.18 6.93 11.31
CA LEU A 60 -10.37 6.52 10.57
C LEU A 60 -11.63 6.53 11.42
N SER A 61 -11.47 6.52 12.76
CA SER A 61 -12.61 6.54 13.66
C SER A 61 -13.22 7.92 13.88
N ARG A 62 -12.50 8.98 13.47
CA ARG A 62 -12.96 10.35 13.61
C ARG A 62 -13.49 10.89 12.30
N ARG A 63 -14.38 11.88 12.39
CA ARG A 63 -14.64 12.80 11.29
C ARG A 63 -13.40 13.69 11.22
N GLU A 64 -12.80 13.73 10.02
CA GLU A 64 -11.60 14.52 9.78
C GLU A 64 -11.86 15.45 8.60
N PRO A 65 -11.86 16.79 8.82
CA PRO A 65 -12.10 17.72 7.73
C PRO A 65 -10.99 17.74 6.68
N THR A 66 -9.84 17.13 7.00
CA THR A 66 -8.75 17.00 6.04
C THR A 66 -9.03 16.00 4.92
N ARG A 67 -10.05 15.16 5.09
CA ARG A 67 -10.28 14.13 4.09
C ARG A 67 -10.88 14.65 2.79
N GLN A 68 -10.51 14.00 1.70
CA GLN A 68 -11.14 14.17 0.41
C GLN A 68 -11.55 12.77 -0.06
N VAL A 69 -12.79 12.64 -0.56
CA VAL A 69 -13.32 11.34 -0.92
C VAL A 69 -13.69 11.34 -2.39
N PHE A 70 -13.24 10.31 -3.11
CA PHE A 70 -13.51 10.13 -4.52
C PHE A 70 -14.09 8.75 -4.78
N ALA A 71 -14.74 8.61 -5.94
CA ALA A 71 -15.15 7.32 -6.46
C ALA A 71 -14.15 6.89 -7.54
N VAL A 72 -14.29 5.63 -7.96
CA VAL A 72 -13.45 5.05 -8.99
C VAL A 72 -14.19 5.10 -10.33
N GLN A 73 -13.54 5.70 -11.32
CA GLN A 73 -14.08 5.78 -12.67
C GLN A 73 -13.68 4.62 -13.58
N ARG A 74 -12.45 4.12 -13.41
CA ARG A 74 -11.87 3.14 -14.33
C ARG A 74 -10.76 2.42 -13.57
N ILE A 75 -10.54 1.15 -13.90
CA ILE A 75 -9.42 0.39 -13.36
C ILE A 75 -8.49 0.01 -14.51
N PHE A 76 -7.20 -0.01 -14.22
CA PHE A 76 -6.18 -0.47 -15.14
C PHE A 76 -5.41 -1.58 -14.44
N GLU A 77 -5.30 -2.73 -15.10
CA GLU A 77 -4.59 -3.88 -14.56
C GLU A 77 -3.39 -4.20 -15.43
N ASN A 78 -2.52 -5.07 -14.89
CA ASN A 78 -1.28 -5.40 -15.56
C ASN A 78 -0.95 -6.87 -15.36
N GLY A 79 -1.90 -7.75 -15.67
CA GLY A 79 -1.66 -9.17 -15.69
C GLY A 79 -1.69 -9.87 -14.34
N TYR A 80 -2.51 -9.36 -13.40
CA TYR A 80 -2.68 -9.99 -12.12
C TYR A 80 -2.88 -11.50 -12.25
N ASP A 81 -2.09 -12.26 -11.49
CA ASP A 81 -2.12 -13.72 -11.53
C ASP A 81 -2.28 -14.18 -10.09
N PRO A 82 -3.52 -14.46 -9.64
CA PRO A 82 -3.74 -14.83 -8.25
C PRO A 82 -3.21 -16.23 -7.90
N VAL A 83 -3.07 -17.10 -8.89
CA VAL A 83 -2.62 -18.46 -8.63
C VAL A 83 -1.14 -18.46 -8.24
N ASN A 84 -0.33 -17.66 -8.97
CA ASN A 84 1.10 -17.54 -8.69
C ASN A 84 1.47 -16.34 -7.84
N LEU A 85 0.49 -15.50 -7.54
CA LEU A 85 0.65 -14.30 -6.74
C LEU A 85 1.63 -13.34 -7.42
N LEU A 86 1.33 -13.03 -8.69
CA LEU A 86 2.18 -12.16 -9.50
C LEU A 86 1.42 -10.97 -10.04
N ASN A 87 2.16 -9.89 -10.31
CA ASN A 87 1.64 -8.69 -10.94
C ASN A 87 0.49 -8.13 -10.11
N ASP A 88 0.73 -7.97 -8.80
CA ASP A 88 -0.33 -7.59 -7.88
C ASP A 88 -0.42 -6.07 -7.77
N ILE A 89 -0.91 -5.47 -8.86
CA ILE A 89 -0.94 -4.04 -9.01
C ILE A 89 -2.17 -3.65 -9.81
N VAL A 90 -2.82 -2.57 -9.38
N VAL A 90 -2.86 -2.61 -9.35
CA VAL A 90 -3.95 -1.99 -10.07
CA VAL A 90 -3.91 -1.97 -10.13
C VAL A 90 -3.83 -0.47 -9.94
C VAL A 90 -3.78 -0.46 -9.96
N ILE A 91 -4.23 0.24 -11.00
CA ILE A 91 -4.38 1.69 -10.94
C ILE A 91 -5.87 1.98 -11.02
N LEU A 92 -6.34 2.80 -10.08
CA LEU A 92 -7.73 3.24 -10.03
C LEU A 92 -7.75 4.71 -10.43
N GLN A 93 -8.44 4.99 -11.53
CA GLN A 93 -8.64 6.37 -11.95
C GLN A 93 -9.82 6.91 -11.16
N LEU A 94 -9.65 8.09 -10.58
CA LEU A 94 -10.69 8.71 -9.79
C LEU A 94 -11.70 9.47 -10.64
N ASN A 95 -12.88 9.73 -10.07
CA ASN A 95 -13.94 10.48 -10.74
C ASN A 95 -13.71 11.99 -10.69
N GLY A 96 -12.53 12.41 -10.23
CA GLY A 96 -12.16 13.81 -10.19
C GLY A 96 -10.70 13.88 -9.81
N SER A 97 -10.21 15.09 -9.54
CA SER A 97 -8.82 15.29 -9.19
C SER A 97 -8.73 15.83 -7.76
N ALA A 98 -7.85 15.21 -6.98
CA ALA A 98 -7.56 15.67 -5.64
C ALA A 98 -7.09 17.12 -5.65
N THR A 99 -7.36 17.80 -4.54
CA THR A 99 -6.78 19.08 -4.22
C THR A 99 -5.49 18.82 -3.45
N ILE A 100 -4.36 19.08 -4.10
CA ILE A 100 -3.07 18.79 -3.48
C ILE A 100 -2.74 19.86 -2.43
N ASN A 101 -2.36 19.43 -1.23
CA ASN A 101 -2.15 20.34 -0.11
C ASN A 101 -1.26 19.61 0.89
N ALA A 102 -1.16 20.15 2.11
CA ALA A 102 -0.24 19.60 3.08
C ALA A 102 -0.60 18.16 3.43
N ASN A 103 -1.90 17.84 3.36
CA ASN A 103 -2.39 16.55 3.81
C ASN A 103 -2.65 15.54 2.69
N VAL A 104 -2.56 15.99 1.44
CA VAL A 104 -2.85 15.17 0.28
C VAL A 104 -1.81 15.50 -0.78
N GLN A 105 -0.90 14.55 -1.03
CA GLN A 105 0.23 14.77 -1.91
C GLN A 105 0.50 13.54 -2.75
N VAL A 106 1.03 13.77 -3.95
CA VAL A 106 1.40 12.70 -4.85
C VAL A 106 2.74 12.09 -4.45
N ALA A 107 2.81 10.76 -4.42
CA ALA A 107 4.01 10.03 -4.10
C ALA A 107 5.05 10.13 -5.21
N GLN A 108 6.31 9.95 -4.82
CA GLN A 108 7.42 9.84 -5.75
C GLN A 108 7.76 8.37 -5.97
N LEU A 109 7.94 8.00 -7.24
CA LEU A 109 8.20 6.63 -7.62
C LEU A 109 9.63 6.43 -8.08
N PRO A 110 10.16 5.19 -8.01
CA PRO A 110 11.50 4.91 -8.50
C PRO A 110 11.56 4.89 -10.01
N ALA A 111 12.79 4.79 -10.53
CA ALA A 111 13.00 4.56 -11.94
C ALA A 111 12.69 3.10 -12.29
N GLN A 112 12.25 2.87 -13.52
CA GLN A 112 11.99 1.53 -14.03
C GLN A 112 13.24 0.67 -13.85
N GLY A 113 13.06 -0.52 -13.29
CA GLY A 113 14.13 -1.50 -13.20
C GLY A 113 14.99 -1.44 -11.93
N ARG A 114 14.82 -0.40 -11.11
CA ARG A 114 15.67 -0.20 -9.95
C ARG A 114 15.35 -1.27 -8.90
N ARG A 115 16.32 -2.14 -8.60
CA ARG A 115 16.17 -3.12 -7.54
C ARG A 115 16.74 -2.58 -6.24
N LEU A 116 16.20 -3.09 -5.13
CA LEU A 116 16.71 -2.75 -3.81
C LEU A 116 17.61 -3.87 -3.29
N GLY A 117 18.76 -3.48 -2.74
CA GLY A 117 19.68 -4.44 -2.19
C GLY A 117 19.25 -4.99 -0.83
N ASN A 118 19.74 -6.19 -0.50
CA ASN A 118 19.62 -6.71 0.85
C ASN A 118 20.07 -5.63 1.82
N GLY A 119 19.23 -5.35 2.82
CA GLY A 119 19.59 -4.46 3.88
C GLY A 119 19.07 -3.04 3.72
N VAL A 120 18.42 -2.73 2.59
CA VAL A 120 17.75 -1.45 2.47
C VAL A 120 16.71 -1.33 3.57
N GLN A 121 16.69 -0.16 4.21
CA GLN A 121 15.76 0.15 5.28
C GLN A 121 14.57 0.90 4.70
N CYS A 122 13.37 0.39 4.97
CA CYS A 122 12.13 0.96 4.45
C CYS A 122 11.15 1.17 5.60
N LEU A 123 10.08 1.88 5.28
CA LEU A 123 8.93 1.97 6.15
C LEU A 123 7.72 1.34 5.46
N ALA A 124 7.10 0.36 6.13
CA ALA A 124 5.78 -0.11 5.78
C ALA A 124 4.75 0.69 6.57
N MET A 125 3.51 0.71 6.09
CA MET A 125 2.47 1.46 6.76
C MET A 125 1.10 0.94 6.36
N GLY A 126 0.12 1.29 7.18
CA GLY A 126 -1.25 0.94 6.86
C GLY A 126 -2.17 0.96 8.06
N TRP A 127 -3.46 0.76 7.75
CA TRP A 127 -4.52 0.67 8.74
C TRP A 127 -4.97 -0.76 8.98
N GLY A 128 -4.16 -1.74 8.61
CA GLY A 128 -4.53 -3.12 8.79
C GLY A 128 -4.47 -3.60 10.23
N LEU A 129 -4.69 -4.91 10.37
CA LEU A 129 -4.79 -5.54 11.66
C LEU A 129 -3.54 -5.30 12.48
N LEU A 130 -3.78 -5.07 13.77
CA LEU A 130 -2.75 -4.67 14.71
C LEU A 130 -2.06 -5.87 15.34
N GLY A 131 -2.63 -7.06 15.12
CA GLY A 131 -2.15 -8.24 15.80
C GLY A 131 -2.74 -8.29 17.20
N ARG A 132 -2.47 -9.40 17.88
CA ARG A 132 -3.01 -9.66 19.20
C ARG A 132 -4.54 -9.51 19.19
N ASN A 133 -5.14 -9.98 18.08
CA ASN A 133 -6.58 -9.96 17.82
C ASN A 133 -7.23 -8.61 18.10
N ARG A 134 -6.53 -7.53 17.71
CA ARG A 134 -6.95 -6.16 18.00
C ARG A 134 -7.74 -5.49 16.88
N GLY A 135 -7.94 -6.17 15.74
CA GLY A 135 -8.70 -5.60 14.63
C GLY A 135 -7.97 -4.51 13.85
N ILE A 136 -8.72 -3.80 13.01
CA ILE A 136 -8.20 -2.78 12.13
C ILE A 136 -7.77 -1.58 12.95
N ALA A 137 -6.67 -0.95 12.54
CA ALA A 137 -6.21 0.25 13.22
C ALA A 137 -7.13 1.42 12.90
N SER A 138 -7.37 2.24 13.93
CA SER A 138 -7.96 3.55 13.72
C SER A 138 -6.92 4.52 13.19
N VAL A 139 -5.77 4.56 13.88
CA VAL A 139 -4.72 5.52 13.56
C VAL A 139 -3.68 4.85 12.65
N LEU A 140 -3.32 5.54 11.57
CA LEU A 140 -2.33 5.02 10.64
C LEU A 140 -1.08 4.56 11.39
N GLN A 141 -0.62 3.35 11.06
CA GLN A 141 0.57 2.77 11.64
C GLN A 141 1.71 2.75 10.62
N GLU A 142 2.94 2.81 11.14
CA GLU A 142 4.15 2.64 10.33
C GLU A 142 5.08 1.66 11.05
N LEU A 143 6.04 1.13 10.28
CA LEU A 143 6.89 0.07 10.77
C LEU A 143 8.21 0.08 10.01
N ASN A 144 9.33 0.10 10.74
CA ASN A 144 10.63 -0.08 10.09
C ASN A 144 10.83 -1.52 9.68
N VAL A 145 11.17 -1.73 8.40
CA VAL A 145 11.44 -3.06 7.89
C VAL A 145 12.71 -3.03 7.04
N THR A 146 13.28 -4.21 6.81
CA THR A 146 14.51 -4.31 6.03
C THR A 146 14.30 -5.23 4.84
N VAL A 147 14.77 -4.80 3.66
CA VAL A 147 14.68 -5.63 2.48
C VAL A 147 15.55 -6.88 2.62
N VAL A 148 14.98 -8.00 2.21
CA VAL A 148 15.67 -9.28 2.16
C VAL A 148 15.40 -9.92 0.81
N THR A 149 16.36 -10.71 0.33
CA THR A 149 16.17 -11.52 -0.87
C THR A 149 15.94 -13.00 -0.56
N SER A 150 16.36 -13.47 0.63
CA SER A 150 16.08 -14.82 1.10
C SER A 150 14.60 -15.12 1.32
N LEU A 151 14.14 -16.28 0.85
CA LEU A 151 12.73 -16.67 0.90
C LEU A 151 11.84 -15.68 0.16
N CYS A 152 12.44 -15.02 -0.84
CA CYS A 152 11.72 -14.09 -1.71
C CYS A 152 11.96 -14.48 -3.16
N ARG A 153 10.99 -14.24 -4.03
CA ARG A 153 11.16 -14.38 -5.47
C ARG A 153 11.63 -13.07 -6.08
N ARG A 154 12.27 -13.14 -7.25
CA ARG A 154 12.75 -11.95 -7.92
C ARG A 154 11.60 -11.07 -8.41
N SER A 155 10.39 -11.67 -8.46
CA SER A 155 9.18 -10.93 -8.82
C SER A 155 8.51 -10.21 -7.66
N ASN A 156 9.13 -10.21 -6.48
CA ASN A 156 8.68 -9.41 -5.36
C ASN A 156 9.81 -8.58 -4.76
N VAL A 157 9.43 -7.53 -4.02
CA VAL A 157 10.30 -6.94 -3.01
C VAL A 157 9.82 -7.51 -1.69
N CYS A 158 10.73 -8.09 -0.92
CA CYS A 158 10.38 -8.67 0.37
C CYS A 158 11.09 -7.96 1.51
N THR A 159 10.47 -7.97 2.68
CA THR A 159 10.99 -7.31 3.85
C THR A 159 10.81 -8.16 5.09
N LEU A 160 11.65 -7.91 6.08
CA LEU A 160 11.59 -8.67 7.32
C LEU A 160 12.07 -7.76 8.44
N VAL A 161 11.42 -7.87 9.60
CA VAL A 161 11.90 -7.26 10.82
C VAL A 161 12.67 -8.33 11.58
N ARG A 162 13.89 -8.03 12.02
CA ARG A 162 14.68 -9.01 12.75
C ARG A 162 14.62 -8.76 14.26
N GLY A 163 14.74 -9.85 15.04
CA GLY A 163 14.83 -9.77 16.49
C GLY A 163 13.50 -9.69 17.23
N ARG A 164 12.39 -9.70 16.47
CA ARG A 164 11.05 -9.66 17.04
C ARG A 164 10.06 -9.97 15.93
N GLN A 165 8.81 -10.25 16.31
CA GLN A 165 7.74 -10.57 15.38
C GLN A 165 6.96 -9.30 15.05
N ALA A 166 7.06 -8.84 13.81
CA ALA A 166 6.38 -7.63 13.38
C ALA A 166 6.26 -7.72 11.86
N GLY A 167 5.25 -7.05 11.29
CA GLY A 167 5.07 -7.09 9.85
C GLY A 167 3.69 -6.56 9.46
N VAL A 168 3.42 -6.61 8.16
CA VAL A 168 2.12 -6.21 7.64
C VAL A 168 1.08 -7.29 7.89
N CYS A 169 -0.20 -6.91 7.78
CA CYS A 169 -1.26 -7.85 8.06
C CYS A 169 -2.47 -7.51 7.20
N PHE A 170 -3.55 -8.28 7.39
CA PHE A 170 -4.76 -8.08 6.63
C PHE A 170 -5.23 -6.64 6.77
N GLY A 171 -5.68 -6.05 5.66
CA GLY A 171 -6.04 -4.65 5.62
C GLY A 171 -4.89 -3.70 5.31
N ASP A 172 -3.65 -4.19 5.40
CA ASP A 172 -2.51 -3.46 4.90
C ASP A 172 -2.32 -3.70 3.40
N SER A 173 -2.97 -4.72 2.85
CA SER A 173 -3.01 -4.96 1.42
C SER A 173 -3.12 -3.65 0.65
N GLY A 174 -2.28 -3.51 -0.38
CA GLY A 174 -2.35 -2.34 -1.24
C GLY A 174 -1.59 -1.12 -0.76
N SER A 175 -1.09 -1.16 0.47
CA SER A 175 -0.44 0.00 1.04
C SER A 175 1.00 0.12 0.53
N PRO A 176 1.54 1.36 0.51
CA PRO A 176 2.91 1.56 0.06
C PRO A 176 3.97 1.06 1.02
N LEU A 177 5.11 0.70 0.42
CA LEU A 177 6.39 0.50 1.10
C LEU A 177 7.30 1.63 0.61
N VAL A 178 7.79 2.44 1.55
CA VAL A 178 8.59 3.61 1.23
C VAL A 178 10.05 3.30 1.55
N CYS A 179 10.91 3.39 0.53
CA CYS A 179 12.33 3.10 0.68
C CYS A 179 13.10 4.26 0.06
N ASN A 180 13.94 4.90 0.87
CA ASN A 180 14.75 6.02 0.41
C ASN A 180 13.88 7.07 -0.28
N GLY A 181 12.72 7.33 0.32
CA GLY A 181 11.82 8.39 -0.09
C GLY A 181 10.91 8.07 -1.26
N LEU A 182 11.00 6.85 -1.80
CA LEU A 182 10.28 6.48 -3.00
C LEU A 182 9.39 5.27 -2.69
N ILE A 183 8.28 5.15 -3.43
CA ILE A 183 7.38 4.04 -3.23
C ILE A 183 7.88 2.85 -4.04
N HIS A 184 8.49 1.90 -3.34
CA HIS A 184 9.08 0.72 -3.97
C HIS A 184 8.24 -0.53 -3.89
N GLY A 185 7.19 -0.52 -3.08
CA GLY A 185 6.37 -1.71 -2.92
C GLY A 185 4.90 -1.37 -2.72
N ILE A 186 4.06 -2.36 -3.05
CA ILE A 186 2.64 -2.38 -2.72
C ILE A 186 2.41 -3.67 -1.94
N ALA A 187 1.86 -3.60 -0.72
CA ALA A 187 1.74 -4.80 0.10
C ALA A 187 0.90 -5.85 -0.60
N SER A 188 1.46 -7.05 -0.74
CA SER A 188 0.87 -8.12 -1.52
C SER A 188 0.49 -9.37 -0.72
N PHE A 189 1.45 -10.01 -0.02
CA PHE A 189 1.09 -11.21 0.72
C PHE A 189 2.07 -11.52 1.83
N VAL A 190 1.56 -12.25 2.82
CA VAL A 190 2.34 -12.76 3.93
C VAL A 190 2.31 -14.28 3.87
N ARG A 191 3.29 -14.91 4.55
CA ARG A 191 3.35 -16.35 4.73
C ARG A 191 3.61 -16.62 6.21
N GLY A 192 3.11 -17.76 6.72
CA GLY A 192 3.30 -18.09 8.12
C GLY A 192 2.41 -17.33 9.09
N GLY A 193 1.31 -16.80 8.57
CA GLY A 193 0.50 -15.83 9.30
C GLY A 193 1.20 -14.48 9.36
N CYS A 194 0.51 -13.45 9.84
CA CYS A 194 1.15 -12.16 9.99
C CYS A 194 2.25 -12.23 11.03
N ALA A 195 3.34 -11.50 10.78
CA ALA A 195 4.36 -11.32 11.80
C ALA A 195 4.88 -12.66 12.32
N SER A 196 5.20 -13.56 11.39
CA SER A 196 5.69 -14.87 11.75
C SER A 196 7.07 -14.86 12.39
N GLY A 197 7.90 -13.90 12.01
CA GLY A 197 9.31 -13.93 12.35
C GLY A 197 10.08 -14.99 11.56
N LEU A 198 9.49 -15.47 10.47
CA LEU A 198 10.16 -16.45 9.62
C LEU A 198 10.13 -16.00 8.17
N TYR A 199 8.94 -15.87 7.61
CA TYR A 199 8.80 -15.53 6.20
C TYR A 199 8.78 -14.02 6.05
N PRO A 200 9.56 -13.46 5.09
CA PRO A 200 9.45 -12.04 4.77
C PRO A 200 8.08 -11.72 4.19
N ASP A 201 7.63 -10.48 4.41
CA ASP A 201 6.46 -9.96 3.75
C ASP A 201 6.78 -9.66 2.30
N ALA A 202 5.81 -9.88 1.41
CA ALA A 202 6.02 -9.69 -0.01
C ALA A 202 5.21 -8.52 -0.53
N PHE A 203 5.88 -7.70 -1.35
CA PHE A 203 5.31 -6.52 -1.97
C PHE A 203 5.43 -6.64 -3.48
N ALA A 204 4.44 -6.08 -4.18
CA ALA A 204 4.56 -5.93 -5.62
C ALA A 204 5.70 -4.95 -5.87
N PRO A 205 6.64 -5.26 -6.78
CA PRO A 205 7.82 -4.44 -7.00
C PRO A 205 7.52 -3.26 -7.91
N VAL A 206 7.23 -2.11 -7.32
CA VAL A 206 6.78 -0.95 -8.08
C VAL A 206 7.76 -0.59 -9.21
N ALA A 207 9.07 -0.68 -8.95
CA ALA A 207 10.05 -0.34 -9.97
C ALA A 207 9.91 -1.17 -11.25
N GLN A 208 9.37 -2.39 -11.15
N GLN A 208 9.34 -2.38 -11.15
CA GLN A 208 9.17 -3.22 -12.32
CA GLN A 208 9.16 -3.22 -12.32
C GLN A 208 8.04 -2.74 -13.21
C GLN A 208 8.03 -2.75 -13.22
N PHE A 209 7.19 -1.88 -12.65
CA PHE A 209 5.97 -1.45 -13.30
C PHE A 209 5.93 0.04 -13.64
N VAL A 210 7.05 0.75 -13.46
CA VAL A 210 7.03 2.21 -13.61
C VAL A 210 6.71 2.69 -15.02
N ASN A 211 7.28 2.08 -16.06
CA ASN A 211 6.92 2.50 -17.40
C ASN A 211 5.42 2.33 -17.64
N TRP A 212 4.84 1.23 -17.16
CA TRP A 212 3.41 0.99 -17.29
C TRP A 212 2.61 2.07 -16.52
N ILE A 213 3.00 2.33 -15.27
CA ILE A 213 2.35 3.36 -14.46
C ILE A 213 2.39 4.70 -15.19
N ASP A 214 3.58 5.09 -15.66
CA ASP A 214 3.76 6.36 -16.32
C ASP A 214 2.88 6.46 -17.55
N SER A 215 2.74 5.34 -18.28
CA SER A 215 1.96 5.39 -19.51
C SER A 215 0.50 5.73 -19.23
N ILE A 216 0.02 5.38 -18.03
CA ILE A 216 -1.38 5.60 -17.67
C ILE A 216 -1.63 6.98 -17.09
N ILE A 217 -0.71 7.45 -16.23
CA ILE A 217 -0.94 8.69 -15.53
C ILE A 217 -0.52 9.88 -16.39
N GLN A 218 0.21 9.55 -17.48
CA GLN A 218 0.10 10.13 -18.82
C GLN A 218 1.49 10.49 -19.32
#